data_7UHQ
#
_entry.id   7UHQ
#
_cell.length_a   105.853
_cell.length_b   105.853
_cell.length_c   99.100
_cell.angle_alpha   90.000
_cell.angle_beta   90.000
_cell.angle_gamma   120.000
#
_symmetry.space_group_name_H-M   'P 64 2 2'
#
loop_
_entity.id
_entity.type
_entity.pdbx_description
1 polymer 'Putative metallo-beta-lactamase l1 (Beta-lactamase type ii) (Ec 3.5.2.6) (Penicillinase)'
2 non-polymer 'ZINC ION'
3 non-polymer '(2R)-2-[(R)-carboxy{[(2R)-2-carboxy-2-(4-hydroxyphenyl)acetyl]amino}methoxymethyl]-5-{[(1-methyl-1H-tetrazol-5-yl)sulfanyl]methyl}-3,6-dihydro-2H-1,3-oxazine-4-carboxylic acid'
4 water water
#
_entity_poly.entity_id   1
_entity_poly.type   'polypeptide(L)'
_entity_poly.pdbx_seq_one_letter_code
;SNAASAAEAPLPQLRAYTVDASWLQPMAPLQVADHTWQIGTEDLTALLVQTAEGAVLLDGGMPQMAGHLLDNMKLRGVAP
QDLRLILLSHAHADHAGPVAELKRRTGAHVAANAETAVLLARGGSNDLHFGDGITYPPASADRIIMDGEVVTVGGIAFTA
HFMPGHTPGSTAWTWTDTRDGKPVRIAYADSLSAPGYQLKGNPRYPRLIEDYKRSFATVRALPCDLLLTPHPGASNWNYA
VGSKASAEALTCNAYADAAEKKFDAQLARETAGTR
;
_entity_poly.pdbx_strand_id   A
#
loop_
_chem_comp.id
_chem_comp.type
_chem_comp.name
_chem_comp.formula
XQP non-polymer '(2R)-2-[(R)-carboxy{[(2R)-2-carboxy-2-(4-hydroxyphenyl)acetyl]amino}methoxymethyl]-5-{[(1-methyl-1H-tetrazol-5-yl)sulfanyl]methyl}-3,6-dihydro-2H-1,3-oxazine-4-carboxylic acid' 'C20 H22 N6 O10 S'
ZN non-polymer 'ZINC ION' 'Zn 2'
#
# COMPACT_ATOMS: atom_id res chain seq x y z
N ALA A 9 -1.81 -41.54 -7.39
CA ALA A 9 -1.06 -40.40 -6.88
C ALA A 9 -0.98 -39.29 -7.93
N PRO A 10 -2.01 -38.46 -8.00
CA PRO A 10 -2.05 -37.38 -8.99
C PRO A 10 -1.37 -36.12 -8.49
N LEU A 11 -1.23 -35.16 -9.40
CA LEU A 11 -0.68 -33.86 -9.06
C LEU A 11 -1.62 -33.13 -8.10
N PRO A 12 -1.08 -32.31 -7.21
CA PRO A 12 -1.94 -31.63 -6.22
C PRO A 12 -2.83 -30.58 -6.86
N GLN A 13 -3.90 -30.24 -6.15
CA GLN A 13 -4.85 -29.24 -6.60
C GLN A 13 -4.31 -27.84 -6.35
N LEU A 14 -4.91 -26.87 -7.05
CA LEU A 14 -4.57 -25.48 -6.81
C LEU A 14 -5.09 -25.04 -5.45
N ARG A 15 -4.38 -24.11 -4.83
CA ARG A 15 -4.71 -23.59 -3.51
C ARG A 15 -5.00 -22.10 -3.61
N ALA A 16 -6.10 -21.67 -2.99
CA ALA A 16 -6.50 -20.27 -3.02
C ALA A 16 -5.79 -19.48 -1.94
N TYR A 17 -5.60 -18.18 -2.19
CA TYR A 17 -4.94 -17.29 -1.25
C TYR A 17 -5.93 -16.92 -0.16
N THR A 18 -5.82 -17.58 0.98
CA THR A 18 -6.69 -17.35 2.13
C THR A 18 -6.00 -16.44 3.13
N VAL A 19 -6.75 -15.51 3.70
CA VAL A 19 -6.23 -14.52 4.64
C VAL A 19 -7.09 -14.56 5.91
N ASP A 20 -6.66 -13.78 6.90
CA ASP A 20 -7.43 -13.66 8.13
C ASP A 20 -8.78 -13.00 7.86
N ALA A 21 -9.78 -13.40 8.66
CA ALA A 21 -11.12 -12.86 8.49
C ALA A 21 -11.18 -11.37 8.78
N SER A 22 -10.26 -10.86 9.60
CA SER A 22 -10.25 -9.43 9.91
C SER A 22 -9.82 -8.60 8.70
N TRP A 23 -9.06 -9.19 7.78
CA TRP A 23 -8.64 -8.49 6.57
C TRP A 23 -9.82 -8.21 5.64
N LEU A 24 -10.92 -8.96 5.76
CA LEU A 24 -12.06 -8.84 4.87
C LEU A 24 -13.31 -8.30 5.58
N GLN A 25 -13.15 -7.70 6.76
CA GLN A 25 -14.28 -7.18 7.51
C GLN A 25 -14.59 -5.75 7.06
N PRO A 26 -15.67 -5.53 6.33
CA PRO A 26 -15.91 -4.19 5.77
C PRO A 26 -16.26 -3.18 6.85
N MET A 27 -15.87 -1.93 6.61
CA MET A 27 -16.17 -0.84 7.52
C MET A 27 -16.57 0.39 6.72
N ALA A 28 -17.22 1.32 7.41
CA ALA A 28 -17.62 2.57 6.78
C ALA A 28 -16.43 3.52 6.67
N PRO A 29 -16.52 4.52 5.79
CA PRO A 29 -15.42 5.48 5.65
C PRO A 29 -15.11 6.18 6.97
N LEU A 30 -13.87 6.01 7.43
CA LEU A 30 -13.36 6.64 8.63
C LEU A 30 -12.48 7.82 8.22
N GLN A 31 -12.83 9.02 8.66
CA GLN A 31 -12.11 10.21 8.24
C GLN A 31 -10.74 10.29 8.92
N VAL A 32 -9.72 10.60 8.13
CA VAL A 32 -8.36 10.80 8.62
C VAL A 32 -8.01 12.28 8.66
N ALA A 33 -8.15 12.98 7.53
CA ALA A 33 -8.00 14.43 7.48
C ALA A 33 -9.18 15.02 6.72
N ASP A 34 -9.09 16.31 6.35
CA ASP A 34 -10.21 16.94 5.66
C ASP A 34 -10.49 16.30 4.31
N HIS A 35 -9.47 15.74 3.66
CA HIS A 35 -9.64 15.18 2.32
C HIS A 35 -9.33 13.69 2.21
N THR A 36 -8.68 13.10 3.21
CA THR A 36 -8.27 11.70 3.17
C THR A 36 -9.25 10.86 3.97
N TRP A 37 -9.66 9.73 3.40
CA TRP A 37 -10.62 8.82 4.02
C TRP A 37 -10.13 7.39 3.91
N GLN A 38 -10.44 6.59 4.93
CA GLN A 38 -10.17 5.16 4.95
C GLN A 38 -11.44 4.42 4.55
N ILE A 39 -11.42 3.75 3.39
CA ILE A 39 -12.59 3.10 2.85
C ILE A 39 -12.36 1.60 2.63
N GLY A 40 -11.34 1.05 3.28
CA GLY A 40 -11.04 -0.37 3.12
C GLY A 40 -11.75 -1.24 4.14
N THR A 41 -11.00 -2.12 4.78
CA THR A 41 -11.51 -3.00 5.81
C THR A 41 -10.82 -2.67 7.14
N GLU A 42 -11.00 -3.55 8.13
CA GLU A 42 -10.45 -3.28 9.45
C GLU A 42 -8.93 -3.43 9.46
N ASP A 43 -8.40 -4.40 8.72
CA ASP A 43 -6.97 -4.70 8.73
C ASP A 43 -6.31 -4.53 7.37
N LEU A 44 -6.96 -3.82 6.45
CA LEU A 44 -6.37 -3.52 5.14
C LEU A 44 -6.67 -2.08 4.79
N THR A 45 -5.62 -1.29 4.55
CA THR A 45 -5.76 0.13 4.31
C THR A 45 -6.04 0.41 2.84
N ALA A 46 -7.09 1.20 2.58
CA ALA A 46 -7.41 1.67 1.24
C ALA A 46 -7.82 3.13 1.37
N LEU A 47 -6.93 4.04 0.97
CA LEU A 47 -7.12 5.46 1.21
C LEU A 47 -7.78 6.13 0.01
N LEU A 48 -8.74 7.01 0.31
CA LEU A 48 -9.44 7.80 -0.70
C LEU A 48 -9.24 9.27 -0.39
N VAL A 49 -8.74 10.01 -1.38
CA VAL A 49 -8.51 11.44 -1.27
C VAL A 49 -9.46 12.15 -2.23
N GLN A 50 -10.25 13.08 -1.72
CA GLN A 50 -11.24 13.79 -2.52
C GLN A 50 -10.72 15.21 -2.79
N THR A 51 -10.59 15.54 -4.07
CA THR A 51 -10.21 16.86 -4.52
C THR A 51 -11.35 17.48 -5.32
N ALA A 52 -11.15 18.72 -5.76
CA ALA A 52 -12.14 19.39 -6.59
C ALA A 52 -12.12 18.93 -8.04
N GLU A 53 -11.08 18.21 -8.45
CA GLU A 53 -10.95 17.73 -9.83
C GLU A 53 -11.06 16.23 -9.95
N GLY A 54 -11.46 15.53 -8.88
CA GLY A 54 -11.63 14.10 -8.92
C GLY A 54 -11.08 13.47 -7.65
N ALA A 55 -11.02 12.14 -7.66
CA ALA A 55 -10.61 11.36 -6.52
C ALA A 55 -9.35 10.58 -6.84
N VAL A 56 -8.59 10.24 -5.79
CA VAL A 56 -7.38 9.45 -5.89
C VAL A 56 -7.49 8.31 -4.89
N LEU A 57 -7.23 7.08 -5.33
CA LEU A 57 -7.27 5.90 -4.49
C LEU A 57 -5.86 5.38 -4.27
N LEU A 58 -5.53 5.08 -3.01
CA LEU A 58 -4.24 4.51 -2.64
C LEU A 58 -4.48 3.11 -2.11
N ASP A 59 -4.07 2.10 -2.88
CA ASP A 59 -4.27 0.68 -2.59
C ASP A 59 -5.76 0.32 -2.60
N GLY A 60 -6.06 -0.98 -2.54
CA GLY A 60 -7.43 -1.44 -2.56
C GLY A 60 -7.65 -2.74 -1.82
N GLY A 61 -6.57 -3.40 -1.43
CA GLY A 61 -6.65 -4.62 -0.66
C GLY A 61 -6.83 -5.89 -1.47
N MET A 62 -7.69 -6.79 -1.00
CA MET A 62 -7.93 -8.07 -1.62
C MET A 62 -8.77 -7.91 -2.89
N PRO A 63 -8.63 -8.85 -3.84
CA PRO A 63 -9.35 -8.70 -5.11
C PRO A 63 -10.86 -8.64 -4.96
N GLN A 64 -11.43 -9.28 -3.93
CA GLN A 64 -12.87 -9.28 -3.73
C GLN A 64 -13.37 -8.06 -2.95
N MET A 65 -12.55 -7.01 -2.84
CA MET A 65 -12.97 -5.78 -2.18
C MET A 65 -13.42 -4.70 -3.17
N ALA A 66 -13.49 -5.01 -4.46
CA ALA A 66 -13.80 -4.00 -5.47
C ALA A 66 -15.18 -3.40 -5.24
N GLY A 67 -16.20 -4.24 -5.04
CA GLY A 67 -17.55 -3.73 -4.83
C GLY A 67 -17.68 -2.94 -3.56
N HIS A 68 -16.97 -3.36 -2.50
CA HIS A 68 -17.03 -2.63 -1.23
C HIS A 68 -16.41 -1.25 -1.36
N LEU A 69 -15.30 -1.14 -2.11
CA LEU A 69 -14.67 0.16 -2.30
C LEU A 69 -15.58 1.12 -3.06
N LEU A 70 -16.30 0.61 -4.08
CA LEU A 70 -17.21 1.44 -4.83
C LEU A 70 -18.40 1.89 -3.97
N ASP A 71 -18.84 1.03 -3.05
CA ASP A 71 -19.94 1.42 -2.16
C ASP A 71 -19.52 2.57 -1.24
N ASN A 72 -18.31 2.49 -0.69
CA ASN A 72 -17.83 3.59 0.16
C ASN A 72 -17.56 4.84 -0.64
N MET A 73 -17.11 4.71 -1.90
CA MET A 73 -16.94 5.88 -2.75
C MET A 73 -18.27 6.55 -3.02
N LYS A 74 -19.32 5.75 -3.27
CA LYS A 74 -20.66 6.30 -3.39
C LYS A 74 -21.13 6.94 -2.08
N LEU A 75 -20.70 6.38 -0.95
CA LEU A 75 -21.06 6.96 0.35
C LEU A 75 -20.43 8.34 0.53
N ARG A 76 -19.25 8.57 -0.05
CA ARG A 76 -18.59 9.87 0.00
C ARG A 76 -19.03 10.80 -1.12
N GLY A 77 -20.02 10.39 -1.92
CA GLY A 77 -20.49 11.24 -3.01
C GLY A 77 -19.55 11.28 -4.19
N VAL A 78 -18.90 10.17 -4.51
CA VAL A 78 -17.95 10.08 -5.61
C VAL A 78 -18.48 9.08 -6.62
N ALA A 79 -18.64 9.50 -7.86
CA ALA A 79 -19.05 8.62 -8.94
C ALA A 79 -17.86 7.77 -9.40
N PRO A 80 -18.12 6.65 -10.07
CA PRO A 80 -17.01 5.84 -10.58
C PRO A 80 -16.08 6.61 -11.51
N GLN A 81 -16.63 7.38 -12.45
CA GLN A 81 -15.78 8.13 -13.37
C GLN A 81 -15.10 9.31 -12.71
N ASP A 82 -15.36 9.59 -11.43
CA ASP A 82 -14.66 10.64 -10.71
C ASP A 82 -13.35 10.14 -10.08
N LEU A 83 -13.13 8.83 -10.02
CA LEU A 83 -11.85 8.29 -9.60
C LEU A 83 -10.87 8.46 -10.75
N ARG A 84 -9.95 9.42 -10.60
CA ARG A 84 -9.03 9.74 -11.68
C ARG A 84 -7.75 8.94 -11.62
N LEU A 85 -7.29 8.57 -10.43
CA LEU A 85 -5.97 7.99 -10.26
C LEU A 85 -6.02 6.87 -9.22
N ILE A 86 -5.19 5.86 -9.43
CA ILE A 86 -5.01 4.75 -8.50
C ILE A 86 -3.53 4.62 -8.22
N LEU A 87 -3.14 4.86 -6.97
CA LEU A 87 -1.75 4.74 -6.55
C LEU A 87 -1.58 3.50 -5.69
N LEU A 88 -0.42 2.86 -5.79
CA LEU A 88 -0.16 1.60 -5.13
C LEU A 88 1.04 1.72 -4.20
N SER A 89 0.96 1.03 -3.06
CA SER A 89 2.13 0.88 -2.20
C SER A 89 3.08 -0.17 -2.79
N HIS A 90 2.60 -1.40 -2.94
CA HIS A 90 3.32 -2.43 -3.69
C HIS A 90 2.29 -3.37 -4.31
N ALA A 91 2.70 -4.05 -5.37
CA ALA A 91 1.77 -4.81 -6.22
C ALA A 91 1.68 -6.27 -5.76
N HIS A 92 1.16 -6.46 -4.56
CA HIS A 92 0.84 -7.79 -4.04
C HIS A 92 -0.67 -7.99 -4.02
N ALA A 93 -1.08 -9.24 -3.83
CA ALA A 93 -2.49 -9.60 -3.97
C ALA A 93 -3.36 -8.92 -2.91
N ASP A 94 -2.85 -8.76 -1.70
CA ASP A 94 -3.62 -8.15 -0.61
C ASP A 94 -3.56 -6.62 -0.61
N HIS A 95 -3.10 -6.01 -1.70
CA HIS A 95 -3.09 -4.55 -1.80
C HIS A 95 -3.45 -4.02 -3.18
N ALA A 96 -3.13 -4.73 -4.27
CA ALA A 96 -3.49 -4.30 -5.61
C ALA A 96 -4.46 -5.28 -6.28
N GLY A 97 -5.22 -6.01 -5.48
CA GLY A 97 -6.14 -7.00 -5.98
C GLY A 97 -7.17 -6.47 -6.96
N PRO A 98 -8.07 -5.60 -6.49
CA PRO A 98 -9.15 -5.11 -7.35
C PRO A 98 -8.73 -4.05 -8.36
N VAL A 99 -7.42 -3.82 -8.55
CA VAL A 99 -6.98 -2.76 -9.45
C VAL A 99 -7.48 -2.99 -10.86
N ALA A 100 -7.39 -4.23 -11.35
CA ALA A 100 -7.86 -4.53 -12.69
C ALA A 100 -9.37 -4.30 -12.80
N GLU A 101 -10.13 -4.80 -11.83
CA GLU A 101 -11.58 -4.61 -11.86
C GLU A 101 -11.94 -3.15 -11.64
N LEU A 102 -11.18 -2.42 -10.83
CA LEU A 102 -11.50 -1.02 -10.59
C LEU A 102 -11.20 -0.15 -11.81
N LYS A 103 -10.23 -0.55 -12.64
CA LYS A 103 -9.95 0.21 -13.84
C LYS A 103 -11.07 0.06 -14.87
N ARG A 104 -11.67 -1.13 -14.94
CA ARG A 104 -12.72 -1.36 -15.93
C ARG A 104 -14.01 -0.64 -15.57
N ARG A 105 -14.26 -0.43 -14.28
CA ARG A 105 -15.54 0.10 -13.81
C ARG A 105 -15.48 1.54 -13.35
N THR A 106 -14.30 2.17 -13.37
CA THR A 106 -14.17 3.55 -12.94
C THR A 106 -13.53 4.48 -13.96
N GLY A 107 -12.87 3.95 -14.99
CA GLY A 107 -12.18 4.82 -15.92
C GLY A 107 -10.99 5.53 -15.32
N ALA A 108 -10.29 4.89 -14.39
CA ALA A 108 -9.16 5.48 -13.69
C ALA A 108 -7.85 5.04 -14.30
N HIS A 109 -6.79 5.79 -13.97
CA HIS A 109 -5.45 5.47 -14.42
C HIS A 109 -4.59 5.08 -13.21
N VAL A 110 -3.64 4.18 -13.44
CA VAL A 110 -2.76 3.67 -12.39
C VAL A 110 -1.36 4.20 -12.64
N ALA A 111 -0.77 4.82 -11.63
CA ALA A 111 0.60 5.30 -11.66
C ALA A 111 1.44 4.49 -10.70
N ALA A 112 2.58 3.99 -11.20
CA ALA A 112 3.48 3.17 -10.39
C ALA A 112 4.86 3.18 -11.03
N ASN A 113 5.87 2.88 -10.22
CA ASN A 113 7.22 2.78 -10.76
C ASN A 113 7.35 1.55 -11.66
N ALA A 114 8.50 1.45 -12.32
CA ALA A 114 8.69 0.38 -13.30
C ALA A 114 8.61 -0.99 -12.66
N GLU A 115 9.14 -1.13 -11.44
CA GLU A 115 9.13 -2.43 -10.77
C GLU A 115 7.72 -2.83 -10.33
N THR A 116 6.94 -1.87 -9.83
CA THR A 116 5.55 -2.18 -9.50
C THR A 116 4.73 -2.42 -10.77
N ALA A 117 5.08 -1.77 -11.87
CA ALA A 117 4.34 -1.94 -13.11
C ALA A 117 4.50 -3.34 -13.68
N VAL A 118 5.73 -3.86 -13.70
CA VAL A 118 5.98 -5.16 -14.30
C VAL A 118 5.37 -6.27 -13.45
N LEU A 119 5.38 -6.10 -12.13
CA LEU A 119 4.74 -7.09 -11.26
C LEU A 119 3.23 -7.01 -11.37
N LEU A 120 2.68 -5.81 -11.58
CA LEU A 120 1.25 -5.66 -11.79
C LEU A 120 0.83 -6.24 -13.14
N ALA A 121 1.72 -6.22 -14.13
CA ALA A 121 1.37 -6.72 -15.46
C ALA A 121 1.18 -8.23 -15.46
N ARG A 122 1.93 -8.95 -14.63
CA ARG A 122 1.80 -10.40 -14.53
C ARG A 122 1.00 -10.84 -13.31
N GLY A 123 0.22 -9.93 -12.73
CA GLY A 123 -0.69 -10.26 -11.65
C GLY A 123 -0.08 -10.95 -10.46
N GLY A 124 1.06 -10.46 -9.98
CA GLY A 124 1.73 -11.06 -8.85
C GLY A 124 2.35 -12.41 -9.10
N SER A 125 2.24 -12.94 -10.31
CA SER A 125 2.85 -14.23 -10.61
C SER A 125 4.36 -14.10 -10.72
N ASN A 126 5.05 -15.24 -10.59
CA ASN A 126 6.51 -15.29 -10.62
C ASN A 126 7.11 -14.34 -9.60
N ASP A 127 6.52 -14.32 -8.41
CA ASP A 127 7.03 -13.48 -7.33
C ASP A 127 8.44 -13.91 -6.94
N LEU A 128 9.23 -12.95 -6.48
CA LEU A 128 10.61 -13.25 -6.11
C LEU A 128 10.66 -14.22 -4.93
N HIS A 129 9.73 -14.09 -4.00
CA HIS A 129 9.73 -14.90 -2.79
C HIS A 129 8.57 -15.89 -2.72
N PHE A 130 7.43 -15.57 -3.31
CA PHE A 130 6.23 -16.40 -3.19
C PHE A 130 5.91 -17.18 -4.45
N GLY A 131 6.63 -16.96 -5.54
CA GLY A 131 6.38 -17.73 -6.75
C GLY A 131 5.03 -17.37 -7.35
N ASP A 132 4.22 -18.40 -7.63
CA ASP A 132 2.88 -18.21 -8.18
C ASP A 132 1.79 -18.50 -7.15
N GLY A 133 2.13 -18.46 -5.87
CA GLY A 133 1.16 -18.78 -4.84
C GLY A 133 0.11 -17.70 -4.63
N ILE A 134 0.46 -16.45 -4.90
CA ILE A 134 -0.46 -15.33 -4.68
C ILE A 134 -0.69 -14.58 -5.99
N THR A 135 -1.46 -15.17 -6.89
CA THR A 135 -1.77 -14.57 -8.17
C THR A 135 -3.14 -13.90 -8.11
N TYR A 136 -3.21 -12.68 -8.63
CA TYR A 136 -4.43 -11.88 -8.71
C TYR A 136 -4.60 -11.40 -10.14
N PRO A 137 -5.79 -10.94 -10.51
CA PRO A 137 -6.02 -10.46 -11.88
C PRO A 137 -5.03 -9.38 -12.27
N PRO A 138 -4.39 -9.51 -13.44
CA PRO A 138 -3.36 -8.56 -13.83
C PRO A 138 -3.94 -7.24 -14.29
N ALA A 139 -3.14 -6.18 -14.13
CA ALA A 139 -3.50 -4.84 -14.56
C ALA A 139 -2.28 -4.18 -15.17
N SER A 140 -2.50 -3.10 -15.90
CA SER A 140 -1.44 -2.38 -16.57
C SER A 140 -1.26 -1.00 -15.94
N ALA A 141 -0.01 -0.53 -15.93
CA ALA A 141 0.30 0.81 -15.44
C ALA A 141 0.24 1.80 -16.59
N ASP A 142 -0.54 2.87 -16.40
CA ASP A 142 -0.72 3.91 -17.41
C ASP A 142 0.38 4.96 -17.39
N ARG A 143 0.98 5.22 -16.22
CA ARG A 143 1.99 6.25 -16.09
C ARG A 143 3.12 5.73 -15.22
N ILE A 144 4.34 5.74 -15.75
CA ILE A 144 5.52 5.30 -15.02
C ILE A 144 6.10 6.50 -14.29
N ILE A 145 6.22 6.38 -12.96
CA ILE A 145 6.72 7.46 -12.13
C ILE A 145 8.12 7.12 -11.63
N MET A 146 8.92 8.15 -11.42
CA MET A 146 10.29 8.03 -10.95
C MET A 146 10.37 8.43 -9.47
N ASP A 147 11.53 8.19 -8.88
CA ASP A 147 11.74 8.48 -7.47
C ASP A 147 11.72 9.99 -7.24
N GLY A 148 10.86 10.45 -6.35
CA GLY A 148 10.73 11.86 -6.06
C GLY A 148 9.81 12.62 -6.99
N GLU A 149 9.17 11.95 -7.94
CA GLU A 149 8.28 12.64 -8.88
C GLU A 149 6.99 13.05 -8.19
N VAL A 150 6.47 14.22 -8.56
CA VAL A 150 5.28 14.78 -7.96
C VAL A 150 4.09 14.50 -8.88
N VAL A 151 3.03 13.92 -8.31
CA VAL A 151 1.80 13.63 -9.03
C VAL A 151 0.71 14.52 -8.45
N THR A 152 0.18 15.44 -9.26
CA THR A 152 -0.76 16.44 -8.80
C THR A 152 -2.14 16.16 -9.36
N VAL A 153 -3.14 16.11 -8.48
CA VAL A 153 -4.55 15.91 -8.87
C VAL A 153 -5.39 16.86 -8.03
N GLY A 154 -6.03 17.83 -8.70
CA GLY A 154 -6.89 18.77 -8.00
C GLY A 154 -6.16 19.63 -7.00
N GLY A 155 -4.90 19.95 -7.25
CA GLY A 155 -4.11 20.77 -6.36
C GLY A 155 -3.34 20.00 -5.30
N ILE A 156 -3.76 18.79 -4.96
CA ILE A 156 -3.07 17.99 -3.96
C ILE A 156 -1.90 17.26 -4.64
N ALA A 157 -0.69 17.52 -4.16
CA ALA A 157 0.52 16.98 -4.75
C ALA A 157 0.94 15.72 -4.02
N PHE A 158 1.13 14.64 -4.77
CA PHE A 158 1.58 13.36 -4.22
C PHE A 158 3.04 13.13 -4.62
N THR A 159 3.91 13.04 -3.63
CA THR A 159 5.34 12.82 -3.85
C THR A 159 5.67 11.36 -3.58
N ALA A 160 6.33 10.71 -4.54
CA ALA A 160 6.71 9.32 -4.42
C ALA A 160 8.11 9.21 -3.83
N HIS A 161 8.30 8.21 -2.96
CA HIS A 161 9.59 7.94 -2.34
C HIS A 161 9.84 6.44 -2.43
N PHE A 162 10.77 6.04 -3.30
CA PHE A 162 11.07 4.63 -3.49
C PHE A 162 11.70 4.06 -2.23
N MET A 163 11.09 3.00 -1.68
CA MET A 163 11.60 2.29 -0.52
C MET A 163 11.58 0.79 -0.81
N PRO A 164 12.49 0.32 -1.68
CA PRO A 164 12.47 -1.10 -2.05
C PRO A 164 12.90 -2.00 -0.90
N GLY A 165 12.22 -3.14 -0.79
CA GLY A 165 12.49 -4.08 0.27
C GLY A 165 11.49 -5.22 0.28
N HIS A 166 10.26 -4.94 0.71
CA HIS A 166 9.19 -5.93 0.62
C HIS A 166 9.00 -6.39 -0.82
N THR A 167 8.95 -5.45 -1.74
CA THR A 167 8.96 -5.68 -3.18
C THR A 167 9.97 -4.73 -3.81
N PRO A 168 10.51 -5.07 -4.98
CA PRO A 168 11.44 -4.14 -5.65
C PRO A 168 10.83 -2.80 -5.99
N GLY A 169 9.50 -2.70 -6.06
CA GLY A 169 8.85 -1.44 -6.39
C GLY A 169 8.05 -0.84 -5.27
N SER A 170 8.37 -1.21 -4.03
CA SER A 170 7.67 -0.65 -2.88
C SER A 170 7.85 0.86 -2.82
N THR A 171 6.75 1.57 -2.60
CA THR A 171 6.74 3.02 -2.70
C THR A 171 5.96 3.62 -1.53
N ALA A 172 6.48 4.70 -0.96
CA ALA A 172 5.80 5.48 0.06
C ALA A 172 5.32 6.79 -0.57
N TRP A 173 4.07 7.15 -0.30
CA TRP A 173 3.46 8.35 -0.86
C TRP A 173 3.26 9.38 0.25
N THR A 174 3.66 10.62 -0.02
CA THR A 174 3.55 11.70 0.95
C THR A 174 2.78 12.86 0.33
N TRP A 175 1.79 13.35 1.06
CA TRP A 175 1.05 14.54 0.64
C TRP A 175 0.65 15.33 1.88
N THR A 176 0.23 16.57 1.67
CA THR A 176 -0.16 17.47 2.73
C THR A 176 -1.64 17.77 2.62
N ASP A 177 -2.39 17.51 3.68
CA ASP A 177 -3.81 17.76 3.78
C ASP A 177 -4.06 18.82 4.85
N THR A 178 -5.27 18.86 5.37
CA THR A 178 -5.63 19.83 6.41
C THR A 178 -6.45 19.13 7.49
N ARG A 179 -6.26 19.58 8.73
CA ARG A 179 -7.06 19.15 9.86
C ARG A 179 -7.88 20.36 10.32
N ASP A 180 -8.96 20.63 9.59
CA ASP A 180 -9.79 21.82 9.78
C ASP A 180 -8.94 23.10 9.63
N GLY A 181 -8.48 23.30 8.41
CA GLY A 181 -7.66 24.45 8.08
C GLY A 181 -6.20 24.27 8.44
N LYS A 182 -5.94 23.57 9.54
CA LYS A 182 -4.57 23.35 9.99
C LYS A 182 -3.91 22.29 9.13
N PRO A 183 -2.80 22.59 8.45
CA PRO A 183 -2.18 21.60 7.56
C PRO A 183 -1.61 20.42 8.33
N VAL A 184 -1.47 19.30 7.63
CA VAL A 184 -0.95 18.07 8.20
C VAL A 184 -0.22 17.31 7.10
N ARG A 185 1.00 16.85 7.41
CA ARG A 185 1.80 16.08 6.47
C ARG A 185 1.57 14.59 6.74
N ILE A 186 0.88 13.93 5.81
CA ILE A 186 0.54 12.52 5.94
C ILE A 186 1.49 11.71 5.07
N ALA A 187 2.02 10.62 5.63
CA ALA A 187 2.94 9.73 4.94
C ALA A 187 2.39 8.32 4.98
N TYR A 188 2.08 7.77 3.81
CA TYR A 188 1.59 6.40 3.67
C TYR A 188 2.77 5.54 3.24
N ALA A 189 3.50 5.04 4.22
CA ALA A 189 4.69 4.23 3.96
C ALA A 189 4.32 2.76 3.77
N ASP A 190 5.03 2.10 2.86
CA ASP A 190 4.78 0.69 2.60
C ASP A 190 5.38 -0.18 3.70
N SER A 191 5.14 -1.49 3.61
CA SER A 191 5.62 -2.41 4.61
C SER A 191 7.13 -2.59 4.52
N LEU A 192 7.75 -2.82 5.68
CA LEU A 192 9.18 -3.11 5.76
C LEU A 192 9.45 -4.54 6.21
N SER A 193 8.46 -5.42 6.08
CA SER A 193 8.57 -6.79 6.52
C SER A 193 9.15 -7.68 5.43
N ALA A 194 9.71 -8.81 5.85
CA ALA A 194 10.24 -9.83 4.95
C ALA A 194 9.76 -11.19 5.43
N PRO A 195 8.46 -11.46 5.30
CA PRO A 195 7.92 -12.71 5.86
C PRO A 195 8.39 -13.95 5.11
N GLY A 196 9.27 -14.71 5.73
CA GLY A 196 9.82 -15.90 5.10
C GLY A 196 10.77 -15.65 3.96
N TYR A 197 11.20 -14.40 3.76
CA TYR A 197 12.13 -14.11 2.68
C TYR A 197 13.51 -14.67 3.01
N GLN A 198 14.27 -15.01 1.97
CA GLN A 198 15.68 -15.36 2.12
C GLN A 198 16.49 -14.07 1.94
N LEU A 199 17.05 -13.56 3.04
CA LEU A 199 17.77 -12.29 3.01
C LEU A 199 19.20 -12.46 2.51
N LYS A 200 19.94 -13.41 3.08
CA LYS A 200 21.35 -13.58 2.75
C LYS A 200 21.48 -14.42 1.49
N GLY A 201 22.19 -13.89 0.50
CA GLY A 201 22.51 -14.63 -0.72
C GLY A 201 21.31 -15.14 -1.49
N ASN A 202 20.34 -14.27 -1.75
CA ASN A 202 19.18 -14.65 -2.54
C ASN A 202 19.49 -14.45 -4.02
N PRO A 203 19.54 -15.52 -4.82
CA PRO A 203 19.90 -15.36 -6.24
C PRO A 203 18.89 -14.52 -7.03
N ARG A 204 17.64 -14.44 -6.59
CA ARG A 204 16.67 -13.60 -7.26
C ARG A 204 16.74 -12.15 -6.81
N TYR A 205 17.41 -11.87 -5.70
CA TYR A 205 17.50 -10.51 -5.15
C TYR A 205 18.84 -10.37 -4.43
N PRO A 206 19.93 -10.20 -5.18
CA PRO A 206 21.26 -10.16 -4.53
C PRO A 206 21.44 -8.95 -3.62
N ARG A 207 20.96 -7.78 -4.02
CA ARG A 207 21.14 -6.55 -3.26
C ARG A 207 19.94 -6.26 -2.35
N LEU A 208 19.32 -7.31 -1.81
CA LEU A 208 18.13 -7.12 -0.99
C LEU A 208 18.47 -6.43 0.33
N ILE A 209 19.55 -6.86 0.98
CA ILE A 209 19.92 -6.27 2.27
C ILE A 209 20.28 -4.80 2.09
N GLU A 210 20.98 -4.47 1.00
CA GLU A 210 21.32 -3.07 0.75
C GLU A 210 20.06 -2.24 0.49
N ASP A 211 19.05 -2.84 -0.14
CA ASP A 211 17.81 -2.11 -0.38
C ASP A 211 16.98 -1.97 0.89
N TYR A 212 16.95 -3.02 1.73
CA TYR A 212 16.21 -2.95 2.99
C TYR A 212 16.82 -1.91 3.92
N LYS A 213 18.14 -1.95 4.09
CA LYS A 213 18.81 -1.01 4.99
C LYS A 213 18.61 0.43 4.54
N ARG A 214 18.80 0.69 3.25
CA ARG A 214 18.63 2.04 2.74
C ARG A 214 17.17 2.49 2.81
N SER A 215 16.22 1.55 2.68
CA SER A 215 14.82 1.90 2.84
C SER A 215 14.47 2.21 4.29
N PHE A 216 15.19 1.60 5.24
CA PHE A 216 14.98 1.95 6.65
C PHE A 216 15.32 3.42 6.89
N ALA A 217 16.36 3.92 6.23
CA ALA A 217 16.75 5.32 6.39
C ALA A 217 15.80 6.23 5.62
N THR A 218 15.23 5.76 4.51
CA THR A 218 14.32 6.59 3.72
C THR A 218 13.03 6.89 4.47
N VAL A 219 12.54 5.91 5.25
CA VAL A 219 11.28 6.11 5.97
C VAL A 219 11.48 7.09 7.12
N ARG A 220 12.64 7.04 7.78
CA ARG A 220 12.90 7.94 8.90
C ARG A 220 12.93 9.40 8.45
N ALA A 221 13.31 9.66 7.20
CA ALA A 221 13.51 11.01 6.71
C ALA A 221 12.27 11.59 6.03
N LEU A 222 11.16 10.87 6.00
CA LEU A 222 9.97 11.36 5.31
C LEU A 222 9.36 12.52 6.09
N PRO A 223 8.89 13.56 5.40
CA PRO A 223 8.14 14.63 6.09
C PRO A 223 6.76 14.13 6.48
N CYS A 224 6.56 13.90 7.78
CA CYS A 224 5.33 13.24 8.22
C CYS A 224 4.90 13.78 9.58
N ASP A 225 3.59 14.02 9.71
CA ASP A 225 2.97 14.27 11.00
C ASP A 225 2.00 13.18 11.41
N LEU A 226 1.48 12.42 10.46
CA LEU A 226 0.58 11.29 10.73
C LEU A 226 0.93 10.17 9.76
N LEU A 227 1.28 9.01 10.30
CA LEU A 227 1.76 7.89 9.51
C LEU A 227 0.67 6.84 9.33
N LEU A 228 0.60 6.28 8.12
CA LEU A 228 -0.28 5.16 7.83
C LEU A 228 0.50 4.09 7.08
N THR A 229 0.03 2.85 7.19
CA THR A 229 0.65 1.71 6.56
C THR A 229 -0.42 0.83 5.91
N PRO A 230 -0.07 0.05 4.89
CA PRO A 230 -1.07 -0.84 4.28
C PRO A 230 -1.73 -1.78 5.27
N HIS A 231 -0.97 -2.26 6.26
CA HIS A 231 -1.56 -2.99 7.37
C HIS A 231 -1.60 -2.06 8.58
N PRO A 232 -2.77 -1.68 9.08
CA PRO A 232 -2.84 -0.65 10.13
C PRO A 232 -2.13 -1.04 11.42
N GLY A 233 -2.13 -2.33 11.78
CA GLY A 233 -1.46 -2.75 12.99
C GLY A 233 0.04 -2.53 12.94
N ALA A 234 0.63 -2.54 11.74
CA ALA A 234 2.07 -2.31 11.60
C ALA A 234 2.47 -0.91 12.04
N SER A 235 1.56 0.06 11.97
CA SER A 235 1.81 1.40 12.47
C SER A 235 0.91 1.73 13.67
N ASN A 236 0.36 0.71 14.32
CA ASN A 236 -0.46 0.86 15.53
C ASN A 236 -1.71 1.69 15.26
N TRP A 237 -2.32 1.48 14.10
CA TRP A 237 -3.64 2.02 13.81
C TRP A 237 -4.70 0.98 14.17
N ASN A 238 -5.83 1.45 14.69
CA ASN A 238 -6.95 0.59 15.07
C ASN A 238 -8.20 1.13 14.38
N TYR A 239 -8.41 0.71 13.13
CA TYR A 239 -9.52 1.22 12.33
C TYR A 239 -10.88 0.91 12.95
N ALA A 240 -10.97 -0.12 13.78
CA ALA A 240 -12.26 -0.57 14.30
C ALA A 240 -12.78 0.27 15.45
N VAL A 241 -12.03 1.26 15.92
CA VAL A 241 -12.46 2.08 17.05
C VAL A 241 -12.81 3.50 16.62
N GLY A 242 -12.88 3.77 15.32
CA GLY A 242 -13.33 5.05 14.83
C GLY A 242 -12.41 6.22 15.11
N SER A 243 -12.86 7.14 15.98
CA SER A 243 -12.11 8.36 16.24
C SER A 243 -10.76 8.08 16.88
N LYS A 244 -10.70 7.08 17.77
CA LYS A 244 -9.46 6.75 18.47
C LYS A 244 -8.56 5.82 17.65
N ALA A 245 -8.71 5.81 16.33
CA ALA A 245 -7.89 4.92 15.50
C ALA A 245 -6.43 5.36 15.51
N SER A 246 -6.17 6.65 15.36
CA SER A 246 -4.82 7.18 15.33
C SER A 246 -4.25 7.46 16.72
N ALA A 247 -4.85 6.88 17.77
CA ALA A 247 -4.42 7.20 19.12
C ALA A 247 -2.97 6.79 19.35
N GLU A 248 -2.68 5.50 19.25
CA GLU A 248 -1.35 4.98 19.51
C GLU A 248 -0.50 4.87 18.25
N ALA A 249 -0.86 5.58 17.19
CA ALA A 249 -0.13 5.48 15.93
C ALA A 249 1.34 5.87 16.11
N LEU A 250 2.22 5.17 15.40
CA LEU A 250 3.65 5.36 15.54
C LEU A 250 4.14 6.52 14.68
N THR A 251 5.40 6.89 14.90
CA THR A 251 6.08 7.87 14.07
C THR A 251 6.88 7.17 12.99
N CYS A 252 7.45 7.97 12.08
CA CYS A 252 8.30 7.40 11.04
C CYS A 252 9.55 6.76 11.64
N ASN A 253 10.14 7.39 12.64
CA ASN A 253 11.33 6.82 13.27
C ASN A 253 10.98 5.53 14.00
N ALA A 254 9.95 5.56 14.85
CA ALA A 254 9.60 4.37 15.62
C ALA A 254 9.16 3.23 14.70
N TYR A 255 8.49 3.55 13.59
CA TYR A 255 8.08 2.51 12.65
C TYR A 255 9.29 1.90 11.94
N ALA A 256 10.23 2.73 11.50
CA ALA A 256 11.41 2.21 10.83
C ALA A 256 12.39 1.59 11.81
N ASP A 257 12.45 2.13 13.04
CA ASP A 257 13.36 1.58 14.03
C ASP A 257 12.90 0.19 14.48
N ALA A 258 11.60 0.01 14.67
CA ALA A 258 11.09 -1.30 15.08
C ALA A 258 11.23 -2.31 13.96
N ALA A 259 10.92 -1.91 12.72
CA ALA A 259 11.03 -2.83 11.60
C ALA A 259 12.47 -3.25 11.33
N GLU A 260 13.44 -2.38 11.65
CA GLU A 260 14.82 -2.72 11.40
C GLU A 260 15.34 -3.71 12.44
N LYS A 261 14.88 -3.58 13.69
CA LYS A 261 15.35 -4.49 14.74
C LYS A 261 14.95 -5.93 14.44
N LYS A 262 13.70 -6.14 13.99
CA LYS A 262 13.26 -7.48 13.64
C LYS A 262 13.82 -7.95 12.30
N PHE A 263 14.32 -7.02 11.47
CA PHE A 263 15.02 -7.44 10.27
C PHE A 263 16.41 -7.98 10.61
N ASP A 264 17.12 -7.30 11.51
CA ASP A 264 18.43 -7.78 11.94
C ASP A 264 18.32 -9.05 12.77
N ALA A 265 17.25 -9.19 13.56
CA ALA A 265 17.02 -10.44 14.27
C ALA A 265 16.73 -11.57 13.30
N GLN A 266 15.90 -11.29 12.27
CA GLN A 266 15.65 -12.29 11.23
C GLN A 266 16.92 -12.58 10.43
N LEU A 267 17.72 -11.55 10.16
CA LEU A 267 18.97 -11.76 9.45
C LEU A 267 19.95 -12.58 10.29
N ALA A 268 19.93 -12.39 11.61
CA ALA A 268 20.86 -13.11 12.48
C ALA A 268 20.48 -14.58 12.58
N ARG A 269 19.19 -14.87 12.79
CA ARG A 269 18.73 -16.25 12.87
C ARG A 269 18.85 -16.97 11.54
N GLU A 270 18.82 -16.23 10.42
CA GLU A 270 18.93 -16.88 9.11
C GLU A 270 20.36 -17.38 8.86
N THR A 271 21.36 -16.64 9.35
CA THR A 271 22.74 -17.08 9.24
C THR A 271 23.01 -18.34 10.06
N ALA A 272 22.19 -18.62 11.07
CA ALA A 272 22.36 -19.82 11.88
C ALA A 272 21.36 -20.89 11.48
ZN ZN B . 2.79 -7.75 0.37
ZN ZN C . 0.52 -7.21 2.78
C1 XQP D . 3.06 -10.48 2.29
O1 XQP D . 4.06 -11.16 2.63
C2 XQP D . 2.46 -8.37 4.79
N2 XQP D . 1.79 -12.42 2.96
C3 XQP D . 2.79 -9.19 5.81
O4 XQP D . -0.42 -12.89 3.06
C5 XQP D . 1.07 -10.21 3.82
C6 XQP D . 1.67 -11.00 2.65
C7 XQP D . 1.25 -11.44 0.29
C8 XQP D . 0.75 -13.25 3.13
C9 XQP D . 1.13 -14.70 3.41
C10 XQP D . 1.16 -15.53 2.13
C16 XQP D . 2.49 -14.81 4.12
C17 XQP D . 3.31 -8.76 7.15
C20 XQP D . 2.97 -6.95 4.60
C4 XQP D . 2.60 -10.66 5.59
N1 XQP D . 1.58 -8.85 3.83
O10 XQP D . 3.17 -9.42 1.65
O2 XQP D . 1.30 -10.90 5.05
O3 XQP D . 0.84 -10.79 1.49
O6 XQP D . 2.52 -15.36 5.20
O7 XQP D . 3.45 -14.32 3.58
O8 XQP D . 2.46 -6.31 3.71
O9 XQP D . 3.87 -6.59 5.33
#